data_4J3C
#
_entry.id   4J3C
#
_cell.length_a   96.085
_cell.length_b   152.082
_cell.length_c   38.995
_cell.angle_alpha   90.00
_cell.angle_beta   90.00
_cell.angle_gamma   90.00
#
_symmetry.space_group_name_H-M   'P 21 21 2'
#
loop_
_entity.id
_entity.type
_entity.pdbx_description
1 polymer 'Ribosomal RNA small subunit methyltransferase E'
2 water water
#
_entity_poly.entity_id   1
_entity_poly.type   'polypeptide(L)'
_entity_poly.pdbx_seq_one_letter_code
;(MSE)HHHHHHSSGVDLGTENLYFQS(MSE)RANFR(MSE)QRLFIENALHAGAKHEATREQFNYLINVLRLGEGSSLLV
FNGRDGEWRAEIA(MSE)PSRKQAVLVAVEQTRPQPAPCDLVYLFAPLKVGRLDYLVQKAVE(MSE)GAGVLQPV(MSE)
TQHVQGKIGSLERVRANVIEAAEQCGVLGIPAVEEPRKLEDLLIDWPRDRRIVFCDEGNDSQNPLPILEGIAERRLALLI
GPEGGFSEAERDLLRSRDFVTAIPLGPRILRADTAAVAA(MSE)AVIQATLGDWR
;
_entity_poly.pdbx_strand_id   A,B
#
# COMPACT_ATOMS: atom_id res chain seq x y z
N MSE A 29 -9.22 -14.52 18.19
CA MSE A 29 -10.60 -15.03 17.94
C MSE A 29 -11.04 -14.60 16.54
O MSE A 29 -10.70 -13.52 16.12
CB MSE A 29 -11.58 -14.44 18.96
CG MSE A 29 -12.31 -15.48 19.81
SE MSE A 29 -13.28 -14.63 21.28
CE MSE A 29 -12.70 -15.80 22.74
N GLN A 30 -11.81 -15.44 15.85
CA GLN A 30 -12.47 -15.04 14.60
C GLN A 30 -13.47 -13.90 14.83
N ARG A 31 -13.65 -13.05 13.83
CA ARG A 31 -14.61 -11.97 13.92
C ARG A 31 -15.63 -11.97 12.79
N LEU A 32 -16.92 -11.95 13.14
CA LEU A 32 -17.98 -11.93 12.14
C LEU A 32 -18.82 -10.66 12.21
N PHE A 33 -19.02 -10.02 11.07
CA PHE A 33 -19.96 -8.91 10.94
C PHE A 33 -21.38 -9.47 10.75
N ILE A 34 -22.34 -8.98 11.55
CA ILE A 34 -23.73 -9.44 11.42
C ILE A 34 -24.66 -8.21 11.28
N GLU A 35 -25.87 -8.46 10.80
CA GLU A 35 -26.89 -7.42 10.63
C GLU A 35 -27.58 -7.12 11.97
N ASN A 36 -27.65 -8.14 12.81
CA ASN A 36 -28.52 -8.15 13.97
C ASN A 36 -28.16 -7.14 15.04
N ALA A 37 -29.18 -6.63 15.72
CA ALA A 37 -28.98 -5.83 16.92
C ALA A 37 -28.11 -6.65 17.86
N LEU A 38 -27.26 -5.97 18.62
CA LEU A 38 -26.38 -6.70 19.52
C LEU A 38 -26.59 -6.25 20.94
N HIS A 39 -26.90 -7.21 21.79
CA HIS A 39 -27.09 -7.02 23.22
C HIS A 39 -26.95 -8.40 23.86
N ALA A 40 -26.89 -8.47 25.19
CA ALA A 40 -26.81 -9.75 25.88
C ALA A 40 -27.98 -10.66 25.50
N GLY A 41 -27.68 -11.83 24.95
CA GLY A 41 -28.72 -12.74 24.51
C GLY A 41 -29.13 -12.64 23.04
N ALA A 42 -28.62 -11.62 22.32
CA ALA A 42 -28.93 -11.47 20.91
C ALA A 42 -28.47 -12.69 20.13
N LYS A 43 -29.33 -13.13 19.22
CA LYS A 43 -29.14 -14.40 18.54
C LYS A 43 -28.89 -14.15 17.07
N HIS A 44 -28.04 -14.96 16.48
CA HIS A 44 -27.83 -14.83 15.07
C HIS A 44 -27.64 -16.19 14.44
N GLU A 45 -28.47 -16.49 13.46
CA GLU A 45 -28.43 -17.81 12.84
C GLU A 45 -27.40 -17.78 11.71
N ALA A 46 -26.44 -18.70 11.75
CA ALA A 46 -25.45 -18.81 10.69
C ALA A 46 -26.13 -18.91 9.33
N THR A 47 -26.12 -17.81 8.58
CA THR A 47 -26.83 -17.73 7.31
C THR A 47 -25.98 -18.36 6.20
N ARG A 48 -26.19 -19.67 5.96
CA ARG A 48 -25.39 -20.45 5.02
C ARG A 48 -23.90 -20.39 5.39
N GLU A 49 -23.52 -19.32 6.09
CA GLU A 49 -22.17 -19.07 6.58
C GLU A 49 -21.82 -20.05 7.70
N GLN A 50 -22.52 -21.18 7.74
CA GLN A 50 -22.25 -22.30 8.66
C GLN A 50 -20.78 -22.72 8.61
N PHE A 51 -20.02 -21.90 7.87
CA PHE A 51 -18.56 -21.75 7.98
C PHE A 51 -17.85 -21.52 6.68
N ASN A 56 -18.40 -25.77 8.93
CA ASN A 56 -17.24 -26.46 8.38
C ASN A 56 -15.98 -25.93 9.09
N VAL A 57 -15.17 -25.17 8.35
CA VAL A 57 -14.00 -24.45 8.90
C VAL A 57 -14.38 -22.98 9.14
N LEU A 58 -13.89 -22.29 10.20
CA LEU A 58 -12.68 -22.61 10.98
C LEU A 58 -12.81 -23.66 12.08
N ARG A 59 -13.66 -24.66 11.85
CA ARG A 59 -13.77 -25.87 12.68
C ARG A 59 -14.13 -25.62 14.17
N LEU A 60 -14.96 -24.61 14.42
CA LEU A 60 -15.43 -24.31 15.77
C LEU A 60 -16.66 -25.15 16.14
N GLY A 61 -16.73 -25.54 17.41
CA GLY A 61 -17.85 -26.35 17.89
C GLY A 61 -18.79 -25.61 18.82
N GLU A 62 -19.65 -26.40 19.46
CA GLU A 62 -20.54 -25.94 20.52
C GLU A 62 -19.70 -25.39 21.69
N GLY A 63 -20.08 -24.23 22.20
CA GLY A 63 -19.33 -23.58 23.27
C GLY A 63 -18.19 -22.70 22.83
N SER A 64 -17.84 -22.75 21.54
CA SER A 64 -16.76 -21.93 20.99
C SER A 64 -17.13 -20.45 21.04
N SER A 65 -16.11 -19.63 21.21
CA SER A 65 -16.28 -18.21 21.27
C SER A 65 -15.80 -17.58 19.98
N LEU A 66 -16.52 -16.53 19.54
CA LEU A 66 -16.00 -15.65 18.51
C LEU A 66 -16.41 -14.22 18.84
N LEU A 67 -15.87 -13.25 18.11
CA LEU A 67 -16.26 -11.87 18.24
C LEU A 67 -17.28 -11.55 17.17
N VAL A 68 -18.35 -10.85 17.55
CA VAL A 68 -19.29 -10.34 16.57
C VAL A 68 -19.43 -8.84 16.72
N PHE A 69 -19.76 -8.18 15.62
CA PHE A 69 -20.02 -6.75 15.63
C PHE A 69 -20.99 -6.43 14.50
N ASN A 70 -21.62 -5.26 14.58
CA ASN A 70 -22.65 -4.89 13.63
C ASN A 70 -22.58 -3.43 13.14
N GLY A 71 -21.55 -2.69 13.54
CA GLY A 71 -21.39 -1.34 13.02
C GLY A 71 -22.15 -0.31 13.85
N ARG A 72 -22.90 -0.74 14.86
CA ARG A 72 -23.55 0.24 15.74
C ARG A 72 -23.56 -0.07 17.23
N ASP A 73 -23.51 -1.36 17.61
CA ASP A 73 -23.53 -1.71 19.04
C ASP A 73 -22.17 -2.15 19.57
N GLY A 74 -21.11 -1.86 18.82
CA GLY A 74 -19.75 -2.27 19.19
C GLY A 74 -19.43 -3.74 18.93
N GLU A 75 -18.51 -4.26 19.73
CA GLU A 75 -18.01 -5.63 19.59
C GLU A 75 -18.40 -6.46 20.80
N TRP A 76 -18.78 -7.72 20.55
CA TRP A 76 -19.27 -8.62 21.59
C TRP A 76 -18.61 -9.98 21.39
N ARG A 77 -18.31 -10.68 22.49
CA ARG A 77 -17.94 -12.07 22.37
C ARG A 77 -19.25 -12.84 22.39
N ALA A 78 -19.40 -13.73 21.42
CA ALA A 78 -20.56 -14.61 21.32
C ALA A 78 -20.11 -16.07 21.42
N GLU A 79 -21.04 -16.93 21.83
CA GLU A 79 -20.79 -18.35 21.89
C GLU A 79 -21.80 -19.04 21.00
N ILE A 80 -21.36 -20.15 20.42
CA ILE A 80 -22.12 -20.98 19.47
C ILE A 80 -22.94 -22.05 20.20
N ALA A 81 -24.21 -22.21 19.81
CA ALA A 81 -25.13 -23.11 20.51
C ALA A 81 -25.49 -24.44 19.82
N MSE A 82 -25.73 -24.41 18.51
CA MSE A 82 -26.02 -25.64 17.71
C MSE A 82 -27.32 -26.43 18.02
O MSE A 82 -27.28 -27.46 18.73
CB MSE A 82 -24.82 -26.57 17.80
CG MSE A 82 -24.37 -27.13 16.48
SE MSE A 82 -22.46 -26.88 16.39
CE MSE A 82 -21.89 -28.39 17.47
N PRO A 83 -28.47 -26.00 17.48
CA PRO A 83 -29.72 -26.73 17.75
C PRO A 83 -29.76 -28.07 17.02
N SER A 84 -29.64 -28.03 15.69
CA SER A 84 -29.52 -29.24 14.88
C SER A 84 -28.06 -29.30 14.42
N ARG A 85 -27.39 -30.43 14.71
CA ARG A 85 -25.97 -30.58 14.38
C ARG A 85 -25.76 -30.79 12.88
N GLN A 87 -27.45 -26.81 11.97
CA GLN A 87 -27.37 -25.35 12.04
C GLN A 87 -26.38 -24.91 13.11
N ALA A 88 -26.04 -23.61 13.10
CA ALA A 88 -25.26 -22.99 14.16
C ALA A 88 -25.89 -21.67 14.57
N VAL A 89 -26.11 -21.46 15.87
CA VAL A 89 -26.63 -20.18 16.36
C VAL A 89 -25.60 -19.45 17.23
N LEU A 90 -25.34 -18.19 16.90
CA LEU A 90 -24.41 -17.32 17.68
C LEU A 90 -25.13 -16.53 18.78
N VAL A 91 -24.80 -16.79 20.04
CA VAL A 91 -25.41 -16.05 21.16
C VAL A 91 -24.41 -15.07 21.81
N ALA A 92 -24.64 -13.78 21.61
CA ALA A 92 -23.78 -12.74 22.20
C ALA A 92 -23.87 -12.80 23.71
N VAL A 93 -22.73 -12.80 24.38
CA VAL A 93 -22.67 -12.84 25.85
C VAL A 93 -22.26 -11.50 26.47
N GLU A 94 -21.10 -10.97 26.07
CA GLU A 94 -20.53 -9.79 26.72
C GLU A 94 -19.94 -8.81 25.71
N GLN A 95 -20.09 -7.51 25.97
CA GLN A 95 -19.49 -6.51 25.08
C GLN A 95 -18.02 -6.31 25.41
N THR A 96 -17.19 -6.41 24.38
CA THR A 96 -15.74 -6.44 24.51
C THR A 96 -15.09 -5.06 24.09
N ARG A 97 -15.81 -4.31 23.25
CA ARG A 97 -15.37 -2.96 22.83
C ARG A 97 -16.62 -2.16 22.56
N PRO A 98 -16.61 -0.86 22.91
CA PRO A 98 -17.78 -0.05 22.55
C PRO A 98 -17.63 0.46 21.11
N GLN A 99 -18.72 0.95 20.54
CA GLN A 99 -18.76 1.58 19.23
C GLN A 99 -17.97 2.89 19.27
N PRO A 100 -16.94 3.04 18.42
CA PRO A 100 -16.32 4.35 18.22
C PRO A 100 -17.26 5.33 17.51
N ALA A 101 -16.87 6.60 17.50
CA ALA A 101 -17.41 7.57 16.55
C ALA A 101 -16.96 7.15 15.16
N PRO A 102 -17.79 7.40 14.16
CA PRO A 102 -17.32 7.09 12.79
C PRO A 102 -15.99 7.81 12.43
N CYS A 103 -15.18 7.17 11.59
CA CYS A 103 -13.97 7.80 11.07
C CYS A 103 -14.46 8.90 10.16
N ASP A 104 -13.85 10.06 10.31
CA ASP A 104 -14.26 11.19 9.53
C ASP A 104 -13.60 11.34 8.13
N LEU A 105 -12.42 10.77 7.93
CA LEU A 105 -11.64 10.95 6.70
C LEU A 105 -12.39 10.45 5.44
N VAL A 106 -12.47 11.30 4.42
CA VAL A 106 -13.07 10.96 3.14
C VAL A 106 -11.99 10.54 2.12
N TYR A 107 -12.19 9.40 1.46
CA TYR A 107 -11.23 8.96 0.43
C TYR A 107 -11.95 9.11 -0.89
N LEU A 108 -11.41 10.03 -1.71
CA LEU A 108 -11.88 10.35 -3.07
C LEU A 108 -10.91 9.64 -3.99
N PHE A 109 -11.39 8.66 -4.75
CA PHE A 109 -10.49 7.85 -5.55
C PHE A 109 -11.01 7.49 -6.93
N ALA A 110 -10.11 7.47 -7.91
CA ALA A 110 -10.48 7.03 -9.23
C ALA A 110 -10.22 5.54 -9.30
N PRO A 111 -11.18 4.78 -9.88
CA PRO A 111 -10.88 3.40 -10.13
C PRO A 111 -9.79 3.29 -11.19
N LEU A 112 -9.09 2.18 -11.13
CA LEU A 112 -7.89 1.98 -11.92
C LEU A 112 -8.16 0.90 -12.90
N LYS A 113 -7.62 1.04 -14.10
CA LYS A 113 -7.51 -0.10 -14.99
C LYS A 113 -6.37 -0.98 -14.49
N VAL A 114 -5.29 -0.35 -14.00
CA VAL A 114 -4.08 -1.05 -13.56
C VAL A 114 -3.85 -0.79 -12.07
N GLY A 115 -4.11 -1.84 -11.28
CA GLY A 115 -4.16 -1.76 -9.79
C GLY A 115 -5.50 -2.26 -9.21
N ARG A 116 -5.49 -3.47 -8.64
CA ARG A 116 -6.70 -4.18 -8.14
C ARG A 116 -7.70 -3.38 -7.32
N LEU A 117 -9.01 -3.51 -7.58
CA LEU A 117 -10.04 -2.75 -6.81
C LEU A 117 -10.31 -3.30 -5.40
N ASP A 118 -10.25 -4.63 -5.26
CA ASP A 118 -10.37 -5.23 -3.92
C ASP A 118 -9.28 -4.74 -2.96
N TYR A 119 -8.03 -4.69 -3.39
CA TYR A 119 -6.94 -4.13 -2.57
C TYR A 119 -7.16 -2.65 -2.19
N LEU A 120 -7.59 -1.83 -3.15
CA LEU A 120 -7.75 -0.37 -2.93
C LEU A 120 -8.76 -0.11 -1.83
N VAL A 121 -9.86 -0.87 -1.91
CA VAL A 121 -10.98 -0.71 -1.03
C VAL A 121 -10.64 -1.21 0.39
N GLN A 122 -10.10 -2.42 0.47
CA GLN A 122 -9.72 -3.00 1.75
C GLN A 122 -8.70 -2.11 2.46
N LYS A 123 -7.73 -1.58 1.71
CA LYS A 123 -6.69 -0.74 2.30
C LYS A 123 -7.23 0.59 2.84
N ALA A 124 -8.17 1.19 2.13
CA ALA A 124 -8.90 2.38 2.62
C ALA A 124 -9.55 2.15 3.96
N VAL A 125 -10.21 1.00 4.12
CA VAL A 125 -10.82 0.65 5.41
C VAL A 125 -9.73 0.49 6.48
N GLU A 126 -8.70 -0.30 6.19
CA GLU A 126 -7.57 -0.49 7.15
C GLU A 126 -6.91 0.84 7.54
N MSE A 127 -6.76 1.75 6.58
CA MSE A 127 -6.09 3.04 6.83
C MSE A 127 -7.01 4.11 7.46
O MSE A 127 -6.58 5.22 7.75
CB MSE A 127 -5.40 3.56 5.55
CG MSE A 127 -4.21 2.65 5.10
SE MSE A 127 -2.88 2.51 6.51
CE MSE A 127 -2.34 4.39 6.41
N GLY A 128 -8.28 3.78 7.69
CA GLY A 128 -9.11 4.65 8.48
C GLY A 128 -10.07 5.54 7.74
N ALA A 129 -10.30 5.28 6.45
CA ALA A 129 -11.29 6.08 5.69
C ALA A 129 -12.71 5.80 6.18
N GLY A 130 -13.50 6.84 6.47
CA GLY A 130 -14.92 6.70 6.84
C GLY A 130 -15.90 6.71 5.67
N VAL A 131 -15.44 7.22 4.53
CA VAL A 131 -16.26 7.35 3.33
C VAL A 131 -15.36 6.99 2.14
N LEU A 132 -15.84 6.13 1.24
CA LEU A 132 -15.15 5.78 0.00
C LEU A 132 -16.00 6.35 -1.10
N GLN A 133 -15.46 7.34 -1.79
CA GLN A 133 -16.19 8.09 -2.78
C GLN A 133 -15.44 7.97 -4.08
N PRO A 134 -15.92 7.13 -5.03
CA PRO A 134 -15.28 7.00 -6.34
C PRO A 134 -15.44 8.28 -7.09
N VAL A 135 -14.39 8.70 -7.78
CA VAL A 135 -14.39 9.95 -8.53
C VAL A 135 -14.12 9.62 -10.01
N MSE A 136 -14.91 10.22 -10.93
CA MSE A 136 -14.67 10.05 -12.36
C MSE A 136 -13.95 11.31 -12.88
O MSE A 136 -14.40 12.43 -12.58
CB MSE A 136 -15.98 9.81 -13.14
CG MSE A 136 -16.73 8.54 -12.74
SE MSE A 136 -15.70 6.82 -12.71
CE MSE A 136 -15.94 6.39 -14.64
N THR A 137 -12.84 11.11 -13.58
CA THR A 137 -11.97 12.22 -13.95
C THR A 137 -11.66 12.05 -15.42
N GLN A 138 -11.03 13.05 -16.04
CA GLN A 138 -10.78 13.02 -17.49
C GLN A 138 -10.07 11.73 -17.96
N HIS A 139 -9.04 11.28 -17.24
CA HIS A 139 -8.27 10.11 -17.69
C HIS A 139 -8.66 8.75 -17.11
N VAL A 140 -9.82 8.65 -16.44
CA VAL A 140 -10.19 7.33 -15.86
C VAL A 140 -10.42 6.30 -16.97
N GLN A 141 -9.82 5.14 -16.81
CA GLN A 141 -10.06 4.03 -17.72
C GLN A 141 -10.75 2.85 -17.03
N GLY A 142 -10.42 2.62 -15.76
CA GLY A 142 -11.04 1.56 -14.98
C GLY A 142 -12.51 1.85 -14.68
N LYS A 143 -13.18 0.85 -14.14
CA LYS A 143 -14.58 0.99 -13.75
C LYS A 143 -14.74 0.53 -12.31
N ILE A 144 -15.76 1.07 -11.66
CA ILE A 144 -16.09 0.72 -10.30
C ILE A 144 -16.75 -0.67 -10.18
N GLY A 145 -17.59 -1.02 -11.14
CA GLY A 145 -18.31 -2.30 -11.05
C GLY A 145 -19.39 -2.21 -10.00
N SER A 146 -19.81 -3.36 -9.48
CA SER A 146 -20.93 -3.44 -8.55
C SER A 146 -20.55 -2.89 -7.17
N LEU A 147 -21.32 -1.90 -6.71
CA LEU A 147 -21.19 -1.38 -5.38
C LEU A 147 -21.44 -2.44 -4.35
N GLU A 148 -22.26 -3.42 -4.68
CA GLU A 148 -22.49 -4.56 -3.81
C GLU A 148 -21.19 -5.27 -3.46
N ARG A 149 -20.35 -5.48 -4.46
CA ARG A 149 -19.08 -6.18 -4.32
C ARG A 149 -18.06 -5.32 -3.59
N VAL A 150 -18.08 -4.02 -3.86
CA VAL A 150 -17.31 -3.10 -3.05
C VAL A 150 -17.70 -3.16 -1.56
N ARG A 151 -18.99 -3.03 -1.25
CA ARG A 151 -19.46 -3.12 0.15
C ARG A 151 -19.07 -4.42 0.86
N ALA A 152 -19.05 -5.53 0.12
CA ALA A 152 -18.69 -6.85 0.64
C ALA A 152 -17.17 -6.90 0.93
N ASN A 153 -16.38 -6.29 0.03
CA ASN A 153 -14.96 -6.08 0.30
C ASN A 153 -14.73 -5.20 1.53
N VAL A 154 -15.53 -4.13 1.68
CA VAL A 154 -15.51 -3.31 2.91
C VAL A 154 -15.76 -4.16 4.17
N ILE A 155 -16.78 -5.02 4.16
CA ILE A 155 -17.12 -5.83 5.34
C ILE A 155 -15.98 -6.81 5.68
N GLU A 156 -15.45 -7.45 4.66
CA GLU A 156 -14.34 -8.37 4.83
C GLU A 156 -13.11 -7.65 5.45
N ALA A 157 -12.77 -6.47 4.94
CA ALA A 157 -11.66 -5.67 5.51
C ALA A 157 -11.89 -5.28 7.00
N ALA A 158 -13.11 -4.83 7.30
CA ALA A 158 -13.56 -4.55 8.69
C ALA A 158 -13.47 -5.75 9.62
N GLU A 159 -13.91 -6.92 9.16
CA GLU A 159 -13.84 -8.11 9.96
C GLU A 159 -12.39 -8.52 10.21
N GLN A 160 -11.53 -8.37 9.20
CA GLN A 160 -10.16 -8.86 9.31
C GLN A 160 -9.31 -7.92 10.17
N CYS A 161 -9.60 -6.63 10.13
CA CYS A 161 -8.73 -5.65 10.73
C CYS A 161 -9.31 -4.86 11.94
N GLY A 162 -10.48 -5.32 12.42
CA GLY A 162 -10.98 -4.92 13.73
C GLY A 162 -11.61 -3.56 13.76
N VAL A 163 -11.91 -3.04 12.57
CA VAL A 163 -12.54 -1.76 12.42
C VAL A 163 -14.02 -1.90 12.75
N LEU A 164 -14.55 -1.13 13.70
CA LEU A 164 -15.95 -1.34 14.09
C LEU A 164 -16.92 -0.43 13.38
N GLY A 165 -16.43 0.70 12.88
CA GLY A 165 -17.21 1.56 12.00
C GLY A 165 -17.10 1.01 10.58
N ILE A 166 -18.24 0.77 9.96
CA ILE A 166 -18.27 0.42 8.55
C ILE A 166 -18.20 1.70 7.73
N PRO A 167 -17.16 1.88 6.93
CA PRO A 167 -17.12 3.09 6.09
C PRO A 167 -18.26 3.07 5.06
N ALA A 168 -18.82 4.22 4.74
CA ALA A 168 -19.86 4.30 3.70
C ALA A 168 -19.25 4.23 2.29
N VAL A 169 -19.99 3.62 1.36
CA VAL A 169 -19.52 3.55 -0.02
C VAL A 169 -20.49 4.37 -0.81
N GLU A 170 -20.00 5.35 -1.53
CA GLU A 170 -20.89 6.16 -2.38
C GLU A 170 -20.90 5.74 -3.84
N GLU A 171 -22.00 6.07 -4.53
CA GLU A 171 -22.07 6.07 -5.97
C GLU A 171 -21.01 7.01 -6.58
N PRO A 172 -20.38 6.59 -7.69
CA PRO A 172 -19.35 7.43 -8.26
C PRO A 172 -19.91 8.81 -8.71
N ARG A 173 -19.07 9.82 -8.63
CA ARG A 173 -19.46 11.18 -9.03
C ARG A 173 -18.34 11.75 -9.88
N LYS A 174 -18.69 12.67 -10.77
CA LYS A 174 -17.69 13.44 -11.51
C LYS A 174 -16.97 14.41 -10.59
N LEU A 175 -15.65 14.48 -10.76
CA LEU A 175 -14.80 15.37 -9.97
C LEU A 175 -15.31 16.80 -9.97
N GLU A 176 -15.52 17.37 -11.15
CA GLU A 176 -15.99 18.75 -11.22
C GLU A 176 -17.32 19.00 -10.51
N ASP A 177 -18.24 18.04 -10.55
CA ASP A 177 -19.51 18.16 -9.80
C ASP A 177 -19.26 18.20 -8.29
N LEU A 178 -18.41 17.30 -7.79
CA LEU A 178 -17.98 17.29 -6.40
C LEU A 178 -17.33 18.60 -5.94
N LEU A 179 -16.42 19.16 -6.73
CA LEU A 179 -15.72 20.42 -6.37
C LEU A 179 -16.62 21.64 -6.30
N ILE A 180 -17.67 21.71 -7.12
CA ILE A 180 -18.58 22.84 -7.11
C ILE A 180 -19.39 23.02 -5.80
N ASP A 181 -19.93 21.94 -5.25
CA ASP A 181 -20.72 22.08 -4.01
C ASP A 181 -19.97 21.64 -2.73
N TRP A 182 -18.64 21.73 -2.75
CA TRP A 182 -17.85 21.05 -1.73
C TRP A 182 -17.90 21.81 -0.40
N PRO A 183 -18.17 21.11 0.73
CA PRO A 183 -18.20 21.81 2.03
C PRO A 183 -16.82 22.39 2.35
N ARG A 184 -16.80 23.68 2.64
CA ARG A 184 -15.54 24.40 2.78
C ARG A 184 -14.82 24.09 4.09
N ASP A 185 -15.55 23.55 5.06
CA ASP A 185 -14.98 23.05 6.31
C ASP A 185 -14.12 21.78 6.13
N ARG A 186 -14.05 21.21 4.92
CA ARG A 186 -13.25 20.01 4.71
C ARG A 186 -12.17 20.23 3.67
N ARG A 187 -10.93 20.06 4.09
CA ARG A 187 -9.79 20.31 3.21
C ARG A 187 -9.56 19.07 2.35
N ILE A 188 -9.42 19.24 1.03
CA ILE A 188 -8.97 18.16 0.14
C ILE A 188 -7.44 18.20 0.02
N VAL A 189 -6.80 17.06 0.27
CA VAL A 189 -5.39 16.90 -0.03
C VAL A 189 -5.25 16.13 -1.34
N PHE A 190 -4.45 16.62 -2.27
CA PHE A 190 -4.11 15.80 -3.43
C PHE A 190 -2.62 15.73 -3.65
N CYS A 191 -2.18 14.78 -4.46
CA CYS A 191 -0.74 14.58 -4.61
C CYS A 191 -0.18 15.25 -5.86
N ASP A 192 0.82 16.08 -5.66
CA ASP A 192 1.50 16.75 -6.78
C ASP A 192 2.96 17.01 -6.43
N GLU A 193 3.81 16.98 -7.47
CA GLU A 193 5.28 17.04 -7.35
C GLU A 193 5.78 18.33 -6.69
N GLY A 194 6.72 18.18 -5.76
CA GLY A 194 7.24 19.29 -4.97
C GLY A 194 8.37 20.02 -5.69
N SER A 197 11.23 20.80 -2.55
CA SER A 197 11.02 19.83 -1.44
C SER A 197 9.83 18.86 -1.63
N GLN A 198 10.10 17.60 -1.31
CA GLN A 198 9.19 16.49 -1.57
C GLN A 198 8.62 15.89 -0.27
N ASN A 199 8.76 16.61 0.84
CA ASN A 199 8.30 16.16 2.15
C ASN A 199 6.88 16.66 2.45
N PRO A 200 5.90 15.75 2.55
CA PRO A 200 4.50 16.17 2.81
C PRO A 200 4.29 16.76 4.21
N LEU A 201 5.13 16.37 5.17
CA LEU A 201 4.87 16.67 6.59
C LEU A 201 4.71 18.17 6.94
N PRO A 202 5.66 19.04 6.52
CA PRO A 202 5.46 20.46 6.85
C PRO A 202 4.20 21.04 6.20
N ILE A 203 3.80 20.50 5.05
CA ILE A 203 2.59 20.99 4.37
C ILE A 203 1.36 20.50 5.12
N LEU A 204 1.35 19.23 5.52
CA LEU A 204 0.25 18.75 6.35
C LEU A 204 0.15 19.53 7.64
N GLU A 205 1.29 19.93 8.20
CA GLU A 205 1.30 20.65 9.47
C GLU A 205 0.59 22.02 9.40
N GLY A 206 0.59 22.62 8.22
CA GLY A 206 -0.13 23.89 7.98
C GLY A 206 -1.63 23.87 7.74
N ILE A 207 -2.23 22.67 7.69
CA ILE A 207 -3.67 22.52 7.46
C ILE A 207 -4.47 22.76 8.73
N ALA A 208 -5.35 23.76 8.69
CA ALA A 208 -6.12 24.13 9.90
C ALA A 208 -7.44 23.35 10.04
N GLU A 209 -8.03 22.94 8.92
CA GLU A 209 -9.33 22.28 8.96
C GLU A 209 -9.30 21.00 9.77
N ARG A 210 -10.34 20.79 10.55
CA ARG A 210 -10.48 19.60 11.37
C ARG A 210 -11.00 18.43 10.53
N ARG A 211 -11.46 18.69 9.31
CA ARG A 211 -11.98 17.59 8.49
C ARG A 211 -11.22 17.50 7.19
N LEU A 212 -10.96 16.27 6.74
CA LEU A 212 -10.05 16.04 5.63
C LEU A 212 -10.62 15.09 4.59
N ALA A 213 -10.09 15.21 3.37
CA ALA A 213 -10.35 14.29 2.31
C ALA A 213 -9.04 14.13 1.53
N LEU A 214 -8.72 12.90 1.12
CA LEU A 214 -7.59 12.59 0.25
C LEU A 214 -8.13 12.29 -1.12
N LEU A 215 -7.59 12.95 -2.13
CA LEU A 215 -7.95 12.70 -3.50
C LEU A 215 -6.76 12.07 -4.19
N ILE A 216 -6.95 10.89 -4.76
CA ILE A 216 -5.96 10.24 -5.65
C ILE A 216 -6.65 9.99 -6.98
N GLY A 217 -6.00 10.38 -8.07
CA GLY A 217 -6.56 10.19 -9.40
C GLY A 217 -6.23 8.85 -9.99
N PRO A 218 -6.45 8.69 -11.29
CA PRO A 218 -6.22 7.44 -12.04
C PRO A 218 -4.74 7.24 -12.44
N GLU A 219 -4.39 6.11 -13.06
CA GLU A 219 -2.99 5.86 -13.52
C GLU A 219 -2.40 7.00 -14.34
N GLY A 220 -3.22 7.62 -15.18
CA GLY A 220 -2.81 8.76 -15.98
C GLY A 220 -2.85 10.12 -15.31
N GLY A 221 -3.05 10.16 -13.99
CA GLY A 221 -3.12 11.42 -13.27
C GLY A 221 -4.24 12.34 -13.72
N PHE A 222 -4.17 13.60 -13.32
CA PHE A 222 -5.14 14.59 -13.72
C PHE A 222 -4.74 15.32 -14.98
N SER A 223 -5.72 15.68 -15.80
CA SER A 223 -5.42 16.49 -16.99
C SER A 223 -4.91 17.83 -16.51
N GLU A 224 -4.39 18.61 -17.46
CA GLU A 224 -3.87 19.94 -17.16
C GLU A 224 -4.96 20.87 -16.63
N ALA A 225 -6.14 20.81 -17.26
CA ALA A 225 -7.32 21.55 -16.81
C ALA A 225 -7.75 21.13 -15.39
N GLU A 226 -7.77 19.82 -15.14
CA GLU A 226 -8.12 19.30 -13.80
C GLU A 226 -7.16 19.81 -12.74
N ARG A 227 -5.87 19.81 -13.10
CA ARG A 227 -4.84 20.35 -12.25
C ARG A 227 -5.08 21.83 -11.96
N ASP A 228 -5.42 22.59 -13.00
CA ASP A 228 -5.60 24.04 -12.86
C ASP A 228 -6.79 24.32 -11.98
N LEU A 229 -7.83 23.50 -12.15
CA LEU A 229 -9.04 23.63 -11.34
C LEU A 229 -8.80 23.29 -9.85
N LEU A 230 -8.09 22.19 -9.59
CA LEU A 230 -7.75 21.82 -8.20
C LEU A 230 -7.00 22.96 -7.52
N ARG A 231 -5.92 23.39 -8.17
CA ARG A 231 -5.11 24.51 -7.68
C ARG A 231 -5.91 25.80 -7.52
N SER A 232 -6.97 25.99 -8.30
CA SER A 232 -7.78 27.21 -8.18
C SER A 232 -8.67 27.21 -6.90
N ARG A 233 -8.79 26.06 -6.23
CA ARG A 233 -9.68 25.95 -5.08
C ARG A 233 -9.00 26.30 -3.77
N ASP A 234 -9.70 27.13 -2.98
CA ASP A 234 -9.19 27.58 -1.69
C ASP A 234 -9.06 26.44 -0.70
N PHE A 235 -9.88 25.44 -0.90
CA PHE A 235 -10.00 24.32 0.03
C PHE A 235 -9.18 23.08 -0.39
N VAL A 236 -8.38 23.20 -1.44
CA VAL A 236 -7.53 22.13 -1.91
C VAL A 236 -6.06 22.42 -1.58
N THR A 237 -5.37 21.46 -0.97
CA THR A 237 -3.91 21.55 -0.80
C THR A 237 -3.17 20.37 -1.42
N ALA A 238 -2.20 20.70 -2.27
CA ALA A 238 -1.27 19.74 -2.87
C ALA A 238 -0.20 19.26 -1.90
N ILE A 239 0.10 17.96 -1.94
CA ILE A 239 1.25 17.45 -1.20
C ILE A 239 2.11 16.59 -2.09
N PRO A 240 3.42 16.64 -1.86
CA PRO A 240 4.36 15.77 -2.55
C PRO A 240 4.44 14.46 -1.81
N LEU A 241 4.88 13.42 -2.51
CA LEU A 241 5.11 12.12 -1.85
C LEU A 241 6.44 11.57 -2.26
N GLY A 242 7.48 12.35 -2.03
CA GLY A 242 8.83 11.85 -2.21
C GLY A 242 9.36 12.02 -3.61
N PRO A 243 10.53 11.43 -3.89
CA PRO A 243 11.28 11.71 -5.10
C PRO A 243 10.97 10.77 -6.26
N ARG A 244 10.28 9.67 -5.98
CA ARG A 244 10.00 8.66 -7.00
C ARG A 244 8.53 8.74 -7.31
N ILE A 245 8.14 8.47 -8.56
CA ILE A 245 6.72 8.43 -8.87
C ILE A 245 6.06 7.22 -8.20
N LEU A 246 4.94 7.46 -7.54
CA LEU A 246 4.16 6.38 -7.00
C LEU A 246 2.95 6.16 -7.85
N ARG A 247 2.62 4.89 -8.03
CA ARG A 247 1.31 4.54 -8.54
C ARG A 247 0.17 4.89 -7.55
N ALA A 248 -1.05 5.04 -8.10
CA ALA A 248 -2.26 5.43 -7.34
C ALA A 248 -2.58 4.59 -6.10
N ASP A 249 -2.43 3.27 -6.18
CA ASP A 249 -2.70 2.41 -5.02
C ASP A 249 -1.65 2.55 -3.90
N THR A 250 -0.42 2.84 -4.30
CA THR A 250 0.68 3.01 -3.38
C THR A 250 0.50 4.33 -2.70
N ALA A 251 0.18 5.35 -3.49
CA ALA A 251 0.04 6.73 -3.03
C ALA A 251 -1.06 6.86 -2.02
N ALA A 252 -2.14 6.11 -2.21
CA ALA A 252 -3.29 6.15 -1.32
C ALA A 252 -2.86 5.74 0.10
N VAL A 253 -2.21 4.57 0.22
CA VAL A 253 -1.78 4.06 1.53
C VAL A 253 -0.68 4.97 2.08
N ALA A 254 0.29 5.37 1.26
CA ALA A 254 1.34 6.30 1.74
C ALA A 254 0.79 7.66 2.22
N ALA A 255 -0.07 8.29 1.42
CA ALA A 255 -0.65 9.57 1.85
C ALA A 255 -1.52 9.40 3.12
N MSE A 256 -2.32 8.35 3.17
CA MSE A 256 -3.14 8.13 4.37
C MSE A 256 -2.29 7.93 5.63
O MSE A 256 -2.68 8.33 6.73
CB MSE A 256 -4.15 6.98 4.17
CG MSE A 256 -5.33 7.42 3.30
SE MSE A 256 -6.75 6.12 3.16
CE MSE A 256 -6.08 4.94 1.75
N ALA A 257 -1.14 7.27 5.50
CA ALA A 257 -0.23 7.10 6.63
C ALA A 257 0.30 8.44 7.17
N VAL A 258 0.86 9.28 6.28
CA VAL A 258 1.36 10.59 6.72
C VAL A 258 0.25 11.53 7.21
N ILE A 259 -0.91 11.48 6.56
CA ILE A 259 -2.06 12.25 7.02
C ILE A 259 -2.51 11.78 8.42
N GLN A 260 -2.66 10.46 8.60
CA GLN A 260 -3.18 9.94 9.88
C GLN A 260 -2.20 10.19 11.01
N ALA A 261 -0.91 10.03 10.70
CA ALA A 261 0.14 10.33 11.66
C ALA A 261 0.32 11.83 11.97
N THR A 262 0.03 12.71 11.02
CA THR A 262 0.23 14.15 11.31
C THR A 262 -1.01 14.80 11.94
N LEU A 263 -2.17 14.50 11.37
CA LEU A 263 -3.42 15.22 11.59
C LEU A 263 -4.56 14.31 12.01
N GLY A 264 -4.37 13.00 11.93
CA GLY A 264 -5.52 12.09 12.06
C GLY A 264 -5.53 11.24 13.31
N ASP A 265 -6.04 10.01 13.18
CA ASP A 265 -6.27 9.16 14.34
C ASP A 265 -5.12 8.23 14.68
N TRP A 266 -3.94 8.46 14.11
CA TRP A 266 -2.75 7.81 14.66
C TRP A 266 -2.14 8.66 15.80
N ARG A 267 -2.64 9.88 16.00
CA ARG A 267 -2.08 10.74 17.09
C ARG A 267 -2.40 10.21 18.49
N MSE B 29 6.53 8.88 -22.37
CA MSE B 29 7.35 7.80 -23.01
C MSE B 29 7.36 6.53 -22.19
O MSE B 29 7.44 6.56 -20.97
CB MSE B 29 8.81 8.25 -23.22
CG MSE B 29 9.06 9.01 -24.50
SE MSE B 29 10.99 9.35 -24.68
CE MSE B 29 11.25 10.69 -23.27
N GLN B 30 7.30 5.40 -22.88
CA GLN B 30 7.53 4.07 -22.32
C GLN B 30 8.97 3.91 -21.80
N ARG B 31 9.16 2.98 -20.85
CA ARG B 31 10.47 2.73 -20.26
C ARG B 31 10.78 1.22 -20.24
N LEU B 32 11.94 0.83 -20.76
CA LEU B 32 12.29 -0.60 -20.81
C LEU B 32 13.61 -0.90 -20.14
N PHE B 33 13.62 -1.95 -19.31
CA PHE B 33 14.87 -2.44 -18.70
C PHE B 33 15.58 -3.40 -19.65
N ILE B 34 16.87 -3.13 -19.85
CA ILE B 34 17.70 -3.78 -20.87
C ILE B 34 18.90 -4.42 -20.15
N GLU B 35 19.48 -5.51 -20.68
CA GLU B 35 20.69 -6.08 -20.04
C GLU B 35 21.98 -5.63 -20.70
N ASN B 36 21.86 -5.17 -21.94
CA ASN B 36 22.99 -4.61 -22.65
C ASN B 36 23.53 -3.35 -21.96
N ALA B 37 24.82 -3.10 -22.18
CA ALA B 37 25.50 -1.87 -21.78
C ALA B 37 24.89 -0.71 -22.55
N LEU B 38 24.95 0.48 -21.94
CA LEU B 38 24.31 1.63 -22.52
C LEU B 38 25.29 2.74 -22.68
N HIS B 39 25.30 3.28 -23.90
CA HIS B 39 26.13 4.38 -24.38
C HIS B 39 25.55 4.76 -25.75
N ALA B 40 26.01 5.86 -26.32
CA ALA B 40 25.53 6.33 -27.60
C ALA B 40 25.79 5.25 -28.66
N GLY B 41 24.75 4.83 -29.36
CA GLY B 41 24.89 3.74 -30.30
C GLY B 41 24.63 2.33 -29.82
N ALA B 42 24.43 2.15 -28.51
CA ALA B 42 24.18 0.84 -27.94
C ALA B 42 22.89 0.31 -28.50
N LYS B 43 22.92 -0.96 -28.91
CA LYS B 43 21.77 -1.59 -29.53
C LYS B 43 21.16 -2.69 -28.67
N HIS B 44 19.83 -2.81 -28.73
CA HIS B 44 19.13 -3.90 -28.10
C HIS B 44 18.11 -4.43 -29.10
N GLU B 45 18.30 -5.66 -29.54
CA GLU B 45 17.25 -6.32 -30.33
C GLU B 45 16.08 -6.63 -29.39
N ALA B 46 14.91 -6.08 -29.71
CA ALA B 46 13.69 -6.42 -29.02
C ALA B 46 13.41 -7.93 -29.17
N THR B 47 13.16 -8.62 -28.05
CA THR B 47 12.79 -10.04 -28.08
C THR B 47 11.37 -10.20 -28.65
N ARG B 48 10.95 -11.43 -28.96
CA ARG B 48 9.60 -11.67 -29.47
C ARG B 48 8.53 -10.95 -28.64
N GLU B 49 8.62 -11.08 -27.31
CA GLU B 49 7.69 -10.42 -26.38
C GLU B 49 7.76 -8.89 -26.47
N GLN B 50 8.97 -8.34 -26.50
CA GLN B 50 9.20 -6.89 -26.58
C GLN B 50 8.71 -6.28 -27.89
N PHE B 51 9.01 -6.93 -29.01
CA PHE B 51 8.60 -6.44 -30.33
C PHE B 51 7.08 -6.34 -30.42
N ASN B 52 6.38 -7.42 -30.04
CA ASN B 52 4.93 -7.42 -30.01
C ASN B 52 4.40 -6.34 -29.08
N TYR B 53 5.09 -6.19 -27.95
CA TYR B 53 4.70 -5.24 -26.93
C TYR B 53 4.88 -3.79 -27.37
N LEU B 54 6.04 -3.45 -27.89
CA LEU B 54 6.31 -2.09 -28.30
C LEU B 54 5.72 -1.75 -29.67
N ILE B 55 5.50 -2.76 -30.50
CA ILE B 55 5.10 -2.50 -31.89
C ILE B 55 3.70 -2.99 -32.25
N ASN B 56 3.22 -4.05 -31.62
CA ASN B 56 1.83 -4.50 -31.85
C ASN B 56 0.89 -4.17 -30.69
N VAL B 57 1.44 -3.76 -29.55
CA VAL B 57 0.61 -3.39 -28.38
C VAL B 57 0.60 -1.88 -28.10
N LEU B 58 1.74 -1.20 -28.31
CA LEU B 58 1.81 0.28 -28.24
C LEU B 58 1.87 0.89 -29.64
N ARG B 59 2.09 0.04 -30.64
CA ARG B 59 2.20 0.45 -32.04
C ARG B 59 3.21 1.58 -32.34
N LEU B 60 4.32 1.58 -31.61
CA LEU B 60 5.46 2.47 -31.90
C LEU B 60 6.13 1.98 -33.17
N GLY B 61 6.69 2.91 -33.94
CA GLY B 61 7.25 2.60 -35.24
C GLY B 61 8.66 3.12 -35.39
N GLU B 62 9.12 3.16 -36.64
CA GLU B 62 10.46 3.60 -36.93
C GLU B 62 10.63 5.07 -36.58
N GLY B 63 11.64 5.38 -35.77
CA GLY B 63 11.89 6.75 -35.37
C GLY B 63 11.23 7.08 -34.04
N SER B 64 10.37 6.20 -33.53
CA SER B 64 9.80 6.40 -32.19
C SER B 64 10.89 6.42 -31.12
N SER B 65 10.72 7.30 -30.16
CA SER B 65 11.57 7.37 -29.01
C SER B 65 10.96 6.63 -27.80
N LEU B 66 11.82 6.02 -26.97
CA LEU B 66 11.40 5.50 -25.67
C LEU B 66 12.58 5.62 -24.74
N LEU B 67 12.32 5.38 -23.46
CA LEU B 67 13.36 5.42 -22.45
C LEU B 67 13.90 4.01 -22.17
N VAL B 68 15.20 3.92 -21.91
CA VAL B 68 15.83 2.64 -21.78
C VAL B 68 16.81 2.76 -20.58
N PHE B 69 16.95 1.70 -19.77
CA PHE B 69 17.92 1.70 -18.63
C PHE B 69 18.35 0.29 -18.28
N ASN B 70 19.47 0.14 -17.57
CA ASN B 70 20.01 -1.19 -17.30
C ASN B 70 20.53 -1.40 -15.88
N GLY B 71 20.32 -0.40 -15.01
CA GLY B 71 20.68 -0.51 -13.59
C GLY B 71 22.12 -0.11 -13.33
N ARG B 72 22.86 0.24 -14.36
CA ARG B 72 24.21 0.67 -14.12
C ARG B 72 24.63 1.90 -14.90
N ASP B 73 24.07 2.13 -16.10
CA ASP B 73 24.57 3.23 -16.93
C ASP B 73 23.58 4.39 -16.98
N GLY B 74 22.65 4.45 -16.01
CA GLY B 74 21.62 5.50 -16.00
C GLY B 74 20.47 5.24 -16.97
N GLU B 75 19.76 6.30 -17.37
CA GLU B 75 18.63 6.23 -18.29
C GLU B 75 18.81 6.99 -19.63
N TRP B 76 18.63 6.29 -20.75
CA TRP B 76 18.87 6.85 -22.09
C TRP B 76 17.55 6.93 -22.91
N ARG B 77 17.44 7.92 -23.78
CA ARG B 77 16.38 7.95 -24.80
C ARG B 77 16.90 7.15 -25.99
N ALA B 78 16.14 6.16 -26.43
CA ALA B 78 16.51 5.36 -27.58
C ALA B 78 15.49 5.62 -28.67
N GLU B 79 15.86 5.33 -29.92
CA GLU B 79 14.94 5.33 -31.03
C GLU B 79 14.88 3.95 -31.69
N ILE B 80 13.71 3.62 -32.21
CA ILE B 80 13.45 2.30 -32.80
C ILE B 80 13.90 2.28 -34.24
N ALA B 81 14.76 1.31 -34.58
CA ALA B 81 15.12 1.05 -35.98
C ALA B 81 14.62 -0.34 -36.32
N MSE B 82 14.21 -0.54 -37.57
CA MSE B 82 13.60 -1.80 -37.99
C MSE B 82 14.29 -2.35 -39.24
O MSE B 82 14.34 -1.68 -40.27
CB MSE B 82 12.11 -1.61 -38.24
CG MSE B 82 11.41 -0.84 -37.13
SE MSE B 82 9.53 -1.26 -37.08
CE MSE B 82 9.66 -3.14 -36.55
N PRO B 83 14.86 -3.56 -39.13
CA PRO B 83 15.41 -4.17 -40.33
C PRO B 83 14.42 -5.15 -40.98
N SER B 84 13.27 -5.37 -40.35
CA SER B 84 12.27 -6.34 -40.84
C SER B 84 10.86 -6.01 -40.37
N ARG B 85 9.90 -6.18 -41.28
CA ARG B 85 8.48 -5.88 -41.02
C ARG B 85 7.91 -6.69 -39.86
N GLN B 87 11.01 -7.98 -36.48
CA GLN B 87 12.30 -7.65 -35.88
C GLN B 87 12.51 -6.13 -35.74
N ALA B 88 12.70 -5.70 -34.50
CA ALA B 88 12.98 -4.30 -34.14
C ALA B 88 14.25 -4.20 -33.28
N VAL B 89 15.03 -3.13 -33.51
CA VAL B 89 16.27 -2.88 -32.77
C VAL B 89 16.20 -1.51 -32.13
N LEU B 90 16.48 -1.43 -30.81
CA LEU B 90 16.48 -0.15 -30.10
C LEU B 90 17.88 0.40 -30.07
N VAL B 91 18.02 1.66 -30.45
CA VAL B 91 19.35 2.28 -30.54
C VAL B 91 19.40 3.45 -29.58
N ALA B 92 20.19 3.34 -28.52
CA ALA B 92 20.28 4.44 -27.53
C ALA B 92 20.94 5.67 -28.13
N VAL B 93 20.30 6.82 -27.94
CA VAL B 93 20.83 8.06 -28.54
C VAL B 93 21.50 8.93 -27.52
N GLU B 94 20.78 9.36 -26.49
CA GLU B 94 21.31 10.30 -25.48
C GLU B 94 20.86 9.94 -24.05
N GLN B 95 21.76 10.15 -23.09
CA GLN B 95 21.40 9.94 -21.68
C GLN B 95 20.50 11.05 -21.04
N THR B 96 19.34 10.67 -20.51
CA THR B 96 18.35 11.60 -19.89
C THR B 96 18.52 11.73 -18.36
N ARG B 97 19.02 10.69 -17.71
CA ARG B 97 19.26 10.73 -16.28
C ARG B 97 20.51 9.93 -16.02
N PRO B 98 21.39 10.42 -15.13
CA PRO B 98 22.53 9.64 -14.66
C PRO B 98 22.09 8.49 -13.73
N GLN B 99 22.96 7.48 -13.54
CA GLN B 99 22.72 6.38 -12.58
C GLN B 99 22.84 6.89 -11.14
N PRO B 100 21.76 6.84 -10.34
CA PRO B 100 21.88 7.40 -8.98
C PRO B 100 22.62 6.48 -8.01
N ALA B 101 22.87 6.97 -6.80
CA ALA B 101 23.40 6.12 -5.73
C ALA B 101 22.31 5.10 -5.36
N PRO B 102 22.71 3.85 -5.03
CA PRO B 102 21.76 2.83 -4.58
C PRO B 102 20.98 3.37 -3.38
N CYS B 103 19.69 3.02 -3.24
CA CYS B 103 19.00 3.42 -2.03
C CYS B 103 19.50 2.55 -0.89
N ASP B 104 19.62 3.12 0.30
CA ASP B 104 20.17 2.42 1.45
C ASP B 104 19.20 1.56 2.28
N LEU B 105 17.90 1.87 2.20
CA LEU B 105 16.89 1.24 3.03
C LEU B 105 16.76 -0.26 2.78
N VAL B 106 16.89 -1.03 3.87
CA VAL B 106 16.75 -2.48 3.80
C VAL B 106 15.34 -2.90 4.20
N TYR B 107 14.75 -3.78 3.41
CA TYR B 107 13.41 -4.25 3.67
C TYR B 107 13.43 -5.74 3.99
N LEU B 108 13.14 -6.03 5.26
CA LEU B 108 13.15 -7.37 5.80
C LEU B 108 11.71 -7.81 5.88
N PHE B 109 11.35 -8.82 5.09
CA PHE B 109 9.94 -9.19 4.96
C PHE B 109 9.67 -10.68 4.97
N ALA B 110 8.55 -11.04 5.58
CA ALA B 110 8.10 -12.42 5.67
C ALA B 110 7.15 -12.75 4.51
N PRO B 111 7.34 -13.93 3.88
CA PRO B 111 6.50 -14.29 2.73
C PRO B 111 5.03 -14.52 3.05
N LEU B 112 4.20 -14.06 2.11
CA LEU B 112 2.76 -14.28 2.13
C LEU B 112 2.40 -14.63 0.70
N VAL B 114 1.93 -15.52 -2.21
CA VAL B 114 2.42 -15.19 -3.53
C VAL B 114 1.62 -14.07 -4.20
N GLY B 115 0.32 -13.97 -3.91
CA GLY B 115 -0.50 -12.90 -4.48
C GLY B 115 -0.03 -11.61 -3.84
N ARG B 116 0.01 -11.63 -2.52
CA ARG B 116 0.47 -10.47 -1.80
C ARG B 116 1.95 -10.21 -2.08
N LEU B 117 2.69 -11.24 -2.48
CA LEU B 117 4.16 -11.15 -2.62
C LEU B 117 4.64 -10.28 -3.80
N ASP B 118 4.09 -10.55 -4.99
CA ASP B 118 4.29 -9.68 -6.16
C ASP B 118 4.09 -8.23 -5.82
N TYR B 119 2.92 -7.96 -5.22
CA TYR B 119 2.56 -6.62 -4.77
C TYR B 119 3.56 -6.08 -3.76
N LEU B 120 3.92 -6.90 -2.77
CA LEU B 120 4.90 -6.49 -1.75
C LEU B 120 6.18 -6.03 -2.42
N VAL B 121 6.68 -6.87 -3.30
CA VAL B 121 7.96 -6.64 -3.93
C VAL B 121 7.85 -5.33 -4.71
N GLN B 122 6.81 -5.21 -5.51
CA GLN B 122 6.65 -4.02 -6.35
C GLN B 122 6.52 -2.73 -5.58
N LYS B 123 5.74 -2.74 -4.50
CA LYS B 123 5.58 -1.56 -3.63
C LYS B 123 6.86 -1.16 -2.95
N ALA B 124 7.62 -2.16 -2.51
CA ALA B 124 8.93 -1.93 -1.90
C ALA B 124 9.83 -1.11 -2.81
N VAL B 125 9.79 -1.42 -4.10
CA VAL B 125 10.61 -0.69 -5.06
C VAL B 125 10.18 0.76 -5.17
N GLU B 126 8.87 1.00 -5.19
CA GLU B 126 8.31 2.36 -5.31
C GLU B 126 8.65 3.21 -4.10
N MSE B 127 8.52 2.60 -2.92
CA MSE B 127 8.76 3.28 -1.67
C MSE B 127 10.26 3.41 -1.33
O MSE B 127 10.59 3.99 -0.28
CB MSE B 127 8.00 2.56 -0.57
CG MSE B 127 6.48 2.55 -0.82
SE MSE B 127 5.81 4.39 -0.93
CE MSE B 127 6.27 4.94 0.89
N GLY B 128 11.14 2.86 -2.18
CA GLY B 128 12.57 3.12 -2.06
C GLY B 128 13.46 2.10 -1.38
N ALA B 129 13.01 0.87 -1.23
CA ALA B 129 13.90 -0.14 -0.66
C ALA B 129 15.06 -0.39 -1.63
N GLY B 130 16.27 -0.51 -1.08
CA GLY B 130 17.48 -0.86 -1.83
C GLY B 130 17.88 -2.32 -1.74
N VAL B 131 17.33 -3.03 -0.75
CA VAL B 131 17.53 -4.47 -0.60
C VAL B 131 16.23 -5.09 -0.11
N LEU B 132 15.83 -6.16 -0.78
CA LEU B 132 14.69 -6.99 -0.39
C LEU B 132 15.18 -8.31 0.20
N GLN B 133 15.05 -8.42 1.52
CA GLN B 133 15.56 -9.57 2.25
C GLN B 133 14.41 -10.38 2.82
N PRO B 134 14.09 -11.49 2.16
CA PRO B 134 13.07 -12.42 2.63
C PRO B 134 13.54 -13.04 3.94
N VAL B 135 12.62 -13.14 4.90
CA VAL B 135 12.91 -13.62 6.25
C VAL B 135 11.97 -14.75 6.65
N MSE B 136 12.53 -15.86 7.14
CA MSE B 136 11.73 -16.95 7.67
C MSE B 136 11.50 -16.73 9.15
O MSE B 136 12.44 -16.45 9.90
CB MSE B 136 12.41 -18.31 7.41
CG MSE B 136 12.46 -18.73 5.93
SE MSE B 136 10.92 -18.12 4.82
CE MSE B 136 11.77 -16.72 3.80
N THR B 137 10.24 -16.78 9.56
CA THR B 137 9.86 -16.67 10.98
C THR B 137 8.90 -17.79 11.32
N GLN B 138 8.66 -17.96 12.62
CA GLN B 138 7.87 -19.07 13.14
C GLN B 138 6.53 -19.29 12.46
N HIS B 139 5.79 -18.20 12.25
CA HIS B 139 4.43 -18.27 11.71
C HIS B 139 4.30 -18.05 10.19
N VAL B 140 5.42 -18.04 9.47
CA VAL B 140 5.38 -17.97 7.99
C VAL B 140 4.61 -19.17 7.43
N GLN B 141 3.61 -18.89 6.59
CA GLN B 141 2.79 -19.94 5.98
C GLN B 141 3.01 -20.05 4.49
N GLY B 142 3.04 -18.92 3.80
CA GLY B 142 3.39 -18.90 2.38
C GLY B 142 4.86 -19.25 2.15
N LYS B 143 5.26 -19.37 0.89
CA LYS B 143 6.69 -19.53 0.56
C LYS B 143 7.14 -18.62 -0.59
N ILE B 144 8.44 -18.32 -0.58
CA ILE B 144 9.04 -17.41 -1.55
C ILE B 144 8.73 -17.80 -3.02
N GLY B 145 8.83 -19.10 -3.33
CA GLY B 145 8.85 -19.56 -4.70
C GLY B 145 10.29 -19.43 -5.14
N SER B 146 10.48 -18.93 -6.36
CA SER B 146 11.83 -18.74 -6.90
C SER B 146 12.20 -17.27 -7.07
N LEU B 147 13.39 -16.91 -6.62
CA LEU B 147 13.98 -15.59 -6.82
C LEU B 147 13.80 -15.05 -8.24
N GLU B 148 13.67 -15.94 -9.22
CA GLU B 148 13.49 -15.53 -10.63
C GLU B 148 12.31 -14.58 -10.77
N ARG B 149 11.16 -15.02 -10.27
CA ARG B 149 9.93 -14.26 -10.32
C ARG B 149 9.97 -13.03 -9.41
N VAL B 150 10.55 -13.14 -8.22
CA VAL B 150 10.74 -11.93 -7.38
C VAL B 150 11.51 -10.83 -8.16
N ARG B 151 12.56 -11.23 -8.85
CA ARG B 151 13.40 -10.29 -9.59
C ARG B 151 12.67 -9.67 -10.77
N ALA B 152 11.89 -10.47 -11.49
CA ALA B 152 11.08 -9.94 -12.58
C ALA B 152 10.08 -8.87 -12.13
N ASN B 153 9.51 -9.04 -10.92
CA ASN B 153 8.64 -8.03 -10.32
C ASN B 153 9.36 -6.73 -9.96
N VAL B 154 10.60 -6.86 -9.51
CA VAL B 154 11.40 -5.71 -9.16
C VAL B 154 11.57 -4.87 -10.44
N ILE B 155 11.95 -5.54 -11.52
CA ILE B 155 12.15 -4.91 -12.82
C ILE B 155 10.84 -4.25 -13.34
N GLU B 156 9.74 -4.97 -13.37
CA GLU B 156 8.47 -4.35 -13.70
C GLU B 156 8.21 -3.03 -12.97
N ALA B 157 8.33 -3.04 -11.65
CA ALA B 157 8.07 -1.86 -10.82
C ALA B 157 9.04 -0.72 -11.17
N ALA B 158 10.31 -1.05 -11.28
CA ALA B 158 11.35 -0.11 -11.68
C ALA B 158 11.01 0.54 -13.01
N GLU B 159 10.62 -0.28 -14.00
CA GLU B 159 10.21 0.26 -15.29
C GLU B 159 8.99 1.16 -15.14
N GLN B 160 8.04 0.78 -14.29
CA GLN B 160 6.77 1.51 -14.28
C GLN B 160 6.92 2.87 -13.59
N CYS B 161 7.73 2.93 -12.54
CA CYS B 161 7.85 4.14 -11.74
C CYS B 161 9.16 4.95 -11.94
N GLY B 162 10.00 4.49 -12.85
CA GLY B 162 11.22 5.25 -13.18
C GLY B 162 12.32 5.20 -12.15
N VAL B 163 12.34 4.13 -11.36
CA VAL B 163 13.40 3.85 -10.40
C VAL B 163 14.64 3.23 -11.06
N LEU B 164 15.74 3.98 -11.04
CA LEU B 164 16.96 3.63 -11.79
C LEU B 164 17.92 2.64 -11.12
N GLY B 165 17.92 2.59 -9.79
CA GLY B 165 18.69 1.58 -9.06
C GLY B 165 17.83 0.34 -8.89
N ILE B 166 18.34 -0.82 -9.33
CA ILE B 166 17.64 -2.07 -9.14
C ILE B 166 17.95 -2.64 -7.76
N PRO B 167 16.97 -2.66 -6.83
CA PRO B 167 17.27 -3.25 -5.50
C PRO B 167 17.69 -4.73 -5.61
N ALA B 168 18.64 -5.15 -4.77
CA ALA B 168 19.06 -6.55 -4.75
C ALA B 168 18.02 -7.39 -4.00
N VAL B 169 17.90 -8.65 -4.43
CA VAL B 169 17.03 -9.62 -3.78
C VAL B 169 17.95 -10.68 -3.16
N GLU B 170 17.81 -10.88 -1.85
CA GLU B 170 18.68 -11.82 -1.14
C GLU B 170 18.01 -13.17 -0.97
N GLU B 171 18.83 -14.16 -0.71
CA GLU B 171 18.37 -15.49 -0.35
C GLU B 171 17.65 -15.41 1.00
N PRO B 172 16.52 -16.14 1.13
CA PRO B 172 15.80 -16.13 2.40
C PRO B 172 16.72 -16.53 3.56
N ARG B 173 16.54 -15.89 4.71
CA ARG B 173 17.24 -16.32 5.92
C ARG B 173 16.29 -16.23 7.08
N LYS B 174 16.50 -17.12 8.04
CA LYS B 174 15.76 -17.13 9.29
C LYS B 174 16.10 -15.88 10.10
N LEU B 175 15.06 -15.24 10.64
CA LEU B 175 15.20 -14.11 11.55
C LEU B 175 16.31 -14.24 12.60
N GLU B 176 16.34 -15.36 13.30
CA GLU B 176 17.30 -15.50 14.39
C GLU B 176 18.75 -15.57 13.89
N ASP B 177 18.94 -16.00 12.65
CA ASP B 177 20.28 -16.02 12.04
C ASP B 177 20.74 -14.63 11.61
N LEU B 178 19.83 -13.86 10.98
CA LEU B 178 20.14 -12.51 10.51
C LEU B 178 20.52 -11.58 11.63
N LEU B 179 19.95 -11.79 12.81
CA LEU B 179 20.22 -10.93 13.96
C LEU B 179 21.58 -11.16 14.64
N ILE B 180 22.18 -12.34 14.45
CA ILE B 180 23.49 -12.65 15.05
C ILE B 180 24.57 -11.63 14.66
N ASP B 181 24.79 -11.47 13.37
CA ASP B 181 25.87 -10.60 12.93
C ASP B 181 25.34 -9.41 12.17
N TRP B 182 24.15 -8.96 12.56
CA TRP B 182 23.53 -7.79 11.99
C TRP B 182 24.39 -6.56 12.31
N PRO B 183 24.65 -5.72 11.28
CA PRO B 183 25.49 -4.56 11.53
C PRO B 183 24.87 -3.61 12.56
N ARG B 184 25.59 -3.43 13.66
CA ARG B 184 25.21 -2.57 14.78
C ARG B 184 24.82 -1.16 14.35
N ASP B 185 25.25 -0.83 13.14
CA ASP B 185 25.12 0.49 12.56
C ASP B 185 23.71 0.77 11.99
N ARG B 186 23.03 -0.28 11.53
CA ARG B 186 21.69 -0.19 10.91
C ARG B 186 20.58 -0.50 11.92
N ARG B 187 19.80 0.53 12.27
CA ARG B 187 18.63 0.34 13.13
C ARG B 187 17.52 -0.42 12.41
N ILE B 188 17.02 -1.46 13.07
CA ILE B 188 15.85 -2.18 12.58
C ILE B 188 14.62 -1.56 13.20
N VAL B 189 13.69 -1.12 12.35
CA VAL B 189 12.40 -0.64 12.80
C VAL B 189 11.41 -1.78 12.60
N PHE B 190 10.68 -2.15 13.63
CA PHE B 190 9.61 -3.11 13.43
C PHE B 190 8.28 -2.67 13.98
N CYS B 191 7.23 -3.28 13.44
CA CYS B 191 5.85 -2.93 13.79
C CYS B 191 5.23 -3.87 14.79
N ASN B 195 2.18 -2.48 21.14
CA ASN B 195 2.73 -1.15 21.41
C ASN B 195 1.74 -0.19 22.07
N ASP B 196 2.27 0.66 22.96
CA ASP B 196 1.49 1.52 23.88
C ASP B 196 0.84 2.79 23.27
N SER B 197 1.61 3.55 22.51
CA SER B 197 1.07 4.75 21.86
C SER B 197 0.61 4.37 20.44
N GLN B 198 0.10 5.34 19.70
CA GLN B 198 -0.34 5.03 18.37
C GLN B 198 0.47 5.72 17.28
N ASN B 199 1.16 6.81 17.65
CA ASN B 199 1.88 7.67 16.69
C ASN B 199 3.35 7.30 16.51
N PRO B 200 3.72 6.81 15.32
CA PRO B 200 5.12 6.49 15.08
C PRO B 200 6.09 7.71 14.96
N LEU B 201 5.56 8.91 14.70
CA LEU B 201 6.43 10.08 14.41
C LEU B 201 7.43 10.49 15.52
N PRO B 202 6.98 10.67 16.78
CA PRO B 202 7.89 10.99 17.91
C PRO B 202 8.97 9.92 18.14
N ILE B 203 8.61 8.67 17.97
CA ILE B 203 9.54 7.57 18.10
C ILE B 203 10.56 7.65 16.98
N LEU B 204 10.06 7.74 15.75
CA LEU B 204 10.93 7.81 14.58
C LEU B 204 11.93 8.97 14.61
N GLU B 205 11.50 10.13 15.12
CA GLU B 205 12.39 11.31 15.16
C GLU B 205 13.57 11.09 16.09
N GLY B 206 13.41 10.18 17.04
CA GLY B 206 14.44 9.90 18.03
C GLY B 206 15.48 8.87 17.59
N ILE B 207 15.39 8.39 16.36
CA ILE B 207 16.36 7.42 15.86
C ILE B 207 17.59 8.20 15.42
N ALA B 208 18.72 7.94 16.08
CA ALA B 208 19.98 8.63 15.78
C ALA B 208 20.65 8.15 14.51
N GLU B 209 20.52 6.86 14.23
CA GLU B 209 21.14 6.30 13.03
C GLU B 209 20.49 6.92 11.79
N ARG B 210 21.20 6.91 10.68
CA ARG B 210 20.57 7.31 9.42
C ARG B 210 20.73 6.20 8.38
N ARG B 211 21.20 5.04 8.84
CA ARG B 211 21.14 3.78 8.10
C ARG B 211 20.00 2.92 8.68
N LEU B 212 19.05 2.50 7.85
CA LEU B 212 17.86 1.86 8.36
C LEU B 212 17.46 0.52 7.73
N ALA B 213 16.70 -0.27 8.50
CA ALA B 213 15.97 -1.40 7.96
C ALA B 213 14.55 -1.35 8.48
N LEU B 214 13.61 -1.84 7.68
CA LEU B 214 12.24 -2.06 8.13
C LEU B 214 11.96 -3.53 8.14
N LEU B 215 11.41 -4.00 9.26
CA LEU B 215 10.99 -5.38 9.42
C LEU B 215 9.49 -5.48 9.57
N ILE B 216 8.87 -6.31 8.73
CA ILE B 216 7.45 -6.62 8.79
C ILE B 216 7.30 -8.15 8.81
N GLY B 217 6.49 -8.67 9.73
CA GLY B 217 6.30 -10.10 9.91
C GLY B 217 5.26 -10.72 8.99
N PRO B 218 4.92 -12.00 9.20
CA PRO B 218 3.88 -12.59 8.35
C PRO B 218 2.49 -12.24 8.87
N GLU B 219 1.46 -12.72 8.19
CA GLU B 219 0.05 -12.51 8.63
C GLU B 219 -0.13 -12.91 10.10
N GLY B 220 0.50 -14.03 10.49
CA GLY B 220 0.36 -14.55 11.84
C GLY B 220 1.12 -13.78 12.94
N GLY B 221 1.86 -12.75 12.53
CA GLY B 221 2.70 -11.96 13.45
C GLY B 221 3.95 -12.70 13.92
N PHE B 222 4.53 -12.19 15.00
CA PHE B 222 5.74 -12.75 15.60
C PHE B 222 5.33 -13.61 16.80
N SER B 223 6.04 -14.71 17.05
CA SER B 223 5.84 -15.51 18.27
C SER B 223 6.29 -14.70 19.46
N GLU B 224 5.96 -15.15 20.66
CA GLU B 224 6.38 -14.46 21.88
C GLU B 224 7.92 -14.47 21.97
N ALA B 225 8.54 -15.60 21.60
CA ALA B 225 10.01 -15.75 21.61
C ALA B 225 10.66 -14.78 20.63
N GLU B 226 10.10 -14.66 19.42
CA GLU B 226 10.61 -13.67 18.48
C GLU B 226 10.49 -12.23 19.02
N ARG B 227 9.34 -11.88 19.61
CA ARG B 227 9.14 -10.55 20.21
C ARG B 227 10.22 -10.26 21.24
N ASP B 228 10.46 -11.23 22.13
CA ASP B 228 11.51 -11.06 23.12
C ASP B 228 12.89 -10.84 22.48
N LEU B 229 13.17 -11.61 21.45
CA LEU B 229 14.42 -11.51 20.73
C LEU B 229 14.61 -10.11 20.11
N LEU B 230 13.52 -9.51 19.64
CA LEU B 230 13.56 -8.18 19.04
C LEU B 230 13.69 -7.09 20.08
N ARG B 231 12.91 -7.17 21.16
CA ARG B 231 12.96 -6.17 22.22
C ARG B 231 14.30 -6.18 23.00
N SER B 232 15.03 -7.29 22.91
CA SER B 232 16.29 -7.40 23.65
C SER B 232 17.54 -6.97 22.83
N ARG B 233 17.32 -6.50 21.60
CA ARG B 233 18.40 -5.94 20.82
C ARG B 233 18.31 -4.43 20.87
N ASP B 234 19.41 -3.77 21.21
CA ASP B 234 19.43 -2.31 21.36
C ASP B 234 19.40 -1.53 20.04
N PHE B 235 19.74 -2.21 18.93
CA PHE B 235 19.61 -1.66 17.58
C PHE B 235 18.22 -1.90 16.98
N VAL B 236 17.25 -2.28 17.82
CA VAL B 236 15.89 -2.53 17.35
C VAL B 236 14.97 -1.54 18.03
N THR B 237 14.02 -0.98 17.28
CA THR B 237 13.04 -0.04 17.84
C THR B 237 11.68 -0.37 17.28
N ALA B 238 10.74 -0.62 18.19
CA ALA B 238 9.33 -0.81 17.89
C ALA B 238 8.63 0.51 17.53
N ILE B 239 7.81 0.50 16.48
CA ILE B 239 6.91 1.63 16.22
C ILE B 239 5.47 1.17 16.07
N PRO B 240 4.50 1.98 16.52
CA PRO B 240 3.12 1.63 16.23
C PRO B 240 2.71 2.22 14.89
N LEU B 241 1.67 1.68 14.29
CA LEU B 241 1.13 2.26 13.09
C LEU B 241 -0.37 2.44 13.22
N GLY B 242 -0.81 3.10 14.28
CA GLY B 242 -2.22 3.42 14.38
C GLY B 242 -3.09 2.43 15.14
N PRO B 243 -4.40 2.70 15.20
CA PRO B 243 -5.21 1.91 16.12
C PRO B 243 -5.92 0.72 15.45
N ARG B 244 -5.64 0.48 14.17
CA ARG B 244 -6.26 -0.65 13.45
C ARG B 244 -5.15 -1.62 13.04
N ILE B 245 -5.45 -2.91 13.15
CA ILE B 245 -4.59 -3.99 12.67
C ILE B 245 -4.40 -3.86 11.18
N LEU B 246 -3.16 -3.75 10.74
CA LEU B 246 -2.88 -3.64 9.30
C LEU B 246 -2.39 -4.98 8.78
N ARG B 247 -2.82 -5.33 7.58
CA ARG B 247 -2.14 -6.36 6.79
C ARG B 247 -0.66 -6.05 6.56
N ALA B 248 0.17 -7.08 6.49
CA ALA B 248 1.61 -6.91 6.27
C ALA B 248 1.93 -6.06 5.04
N ASP B 249 1.20 -6.23 3.94
CA ASP B 249 1.56 -5.38 2.79
C ASP B 249 1.10 -3.95 2.93
N THR B 250 -0.02 -3.74 3.59
CA THR B 250 -0.43 -2.38 3.98
C THR B 250 0.58 -1.76 4.94
N ALA B 251 0.97 -2.52 5.96
CA ALA B 251 1.93 -2.04 6.94
C ALA B 251 3.22 -1.63 6.29
N ALA B 252 3.67 -2.41 5.30
CA ALA B 252 4.96 -2.14 4.68
C ALA B 252 4.98 -0.77 4.05
N VAL B 253 3.93 -0.48 3.27
CA VAL B 253 3.83 0.80 2.58
C VAL B 253 3.58 1.96 3.54
N ALA B 254 2.67 1.78 4.50
CA ALA B 254 2.43 2.81 5.48
C ALA B 254 3.67 3.11 6.31
N ALA B 255 4.37 2.07 6.75
CA ALA B 255 5.67 2.22 7.48
C ALA B 255 6.74 2.90 6.67
N MSE B 256 6.96 2.45 5.43
CA MSE B 256 7.95 3.14 4.59
C MSE B 256 7.57 4.61 4.33
O MSE B 256 8.44 5.43 4.30
CB MSE B 256 8.23 2.40 3.29
CG MSE B 256 9.12 1.19 3.48
SE MSE B 256 9.34 0.03 1.92
CE MSE B 256 7.53 -0.53 1.53
N ALA B 257 6.29 4.93 4.18
CA ALA B 257 5.92 6.35 4.03
C ALA B 257 6.44 7.20 5.18
N VAL B 258 6.09 6.84 6.42
CA VAL B 258 6.51 7.65 7.58
C VAL B 258 8.03 7.61 7.86
N ILE B 259 8.70 6.50 7.51
CA ILE B 259 10.15 6.39 7.66
C ILE B 259 10.85 7.29 6.61
N GLN B 260 10.33 7.27 5.38
CA GLN B 260 10.97 8.07 4.32
C GLN B 260 10.81 9.58 4.64
N ALA B 261 9.63 9.95 5.14
CA ALA B 261 9.31 11.34 5.47
C ALA B 261 10.02 11.94 6.69
N THR B 262 10.29 11.11 7.71
CA THR B 262 10.94 11.60 8.91
C THR B 262 12.47 11.42 8.88
N LEU B 263 12.93 10.34 8.27
CA LEU B 263 14.34 9.91 8.37
C LEU B 263 15.04 9.67 7.05
N GLY B 264 14.25 9.55 5.98
CA GLY B 264 14.79 9.08 4.71
C GLY B 264 14.73 10.10 3.59
N ASP B 265 14.52 9.61 2.38
CA ASP B 265 14.72 10.42 1.17
C ASP B 265 13.46 11.13 0.62
N TRP B 266 12.48 11.37 1.51
CA TRP B 266 11.36 12.24 1.24
C TRP B 266 11.59 13.62 1.85
N ARG B 267 12.39 13.70 2.91
CA ARG B 267 12.64 14.96 3.67
C ARG B 267 12.91 16.25 2.85
#